data_6LXA
#
_entry.id   6LXA
#
_cell.length_a   44.842
_cell.length_b   61.528
_cell.length_c   52.938
_cell.angle_alpha   90.000
_cell.angle_beta   106.500
_cell.angle_gamma   90.000
#
_symmetry.space_group_name_H-M   'P 1 21 1'
#
loop_
_entity.id
_entity.type
_entity.pdbx_description
1 polymer 'Peroxisome proliferator-activated receptor alpha'
2 non-polymer GLYCEROL
3 non-polymer '5,8,11,14,17-EICOSAPENTAENOIC ACID'
4 water water
#
_entity_poly.entity_id   1
_entity_poly.type   'polypeptide(L)'
_entity_poly.pdbx_seq_one_letter_code
;GSHMTADLKSLAKRIYEAYLKNFNMNKVKARVILSGKASNNPPFVIHDMETLCMAEKTLVAKLVANGIQNKEAEVRIFHC
CQCTSVETVTELTEFAKAIPGFANLDLNDQVTLLKYGVYEAIFAMLSSVMNKDGMLVAYGNGFITREFLKSLRKPFCDIM
EPKFDFAMKFNALELDDSDISLFVAAIICCGDRPGLLNVGHIEKMQEGIVHVLRLHLQSNHPDDIFLFPKLLQKMADLRQ
LVTEHAQLVQIIKKTESDAALHPLLQEIYRDMY
;
_entity_poly.pdbx_strand_id   A
#
# COMPACT_ATOMS: atom_id res chain seq x y z
N MET A 4 -9.05 11.16 33.51
CA MET A 4 -9.05 12.30 32.61
C MET A 4 -7.82 12.37 31.72
N THR A 5 -7.49 11.23 31.13
CA THR A 5 -6.39 11.11 30.18
C THR A 5 -6.91 10.51 28.89
N ALA A 6 -6.13 10.70 27.83
CA ALA A 6 -6.44 10.03 26.56
C ALA A 6 -6.45 8.52 26.77
N ASP A 7 -7.42 7.85 26.15
CA ASP A 7 -7.50 6.38 26.17
C ASP A 7 -6.83 5.86 24.92
N LEU A 8 -5.55 5.50 25.06
CA LEU A 8 -4.76 5.11 23.90
C LEU A 8 -5.16 3.72 23.38
N LYS A 9 -5.57 2.82 24.27
CA LYS A 9 -6.04 1.52 23.82
C LYS A 9 -7.30 1.67 22.97
N SER A 10 -8.19 2.57 23.39
CA SER A 10 -9.40 2.82 22.62
C SER A 10 -9.06 3.44 21.25
N LEU A 11 -8.10 4.36 21.22
N LEU A 11 -8.09 4.35 21.21
CA LEU A 11 -7.70 4.95 19.95
CA LEU A 11 -7.70 4.96 19.94
C LEU A 11 -7.13 3.89 19.01
C LEU A 11 -7.09 3.93 19.01
N ALA A 12 -6.31 3.00 19.55
CA ALA A 12 -5.77 1.94 18.71
C ALA A 12 -6.88 1.11 18.11
N LYS A 13 -7.90 0.79 18.92
CA LYS A 13 -9.03 0.01 18.43
C LYS A 13 -9.82 0.79 17.38
N ARG A 14 -10.01 2.09 17.57
CA ARG A 14 -10.68 2.91 16.57
C ARG A 14 -9.95 2.85 15.23
N ILE A 15 -8.63 3.00 15.27
N ILE A 15 -8.62 2.95 15.25
CA ILE A 15 -7.81 2.94 14.06
CA ILE A 15 -7.90 2.96 13.98
C ILE A 15 -7.98 1.60 13.38
C ILE A 15 -7.90 1.58 13.34
N TYR A 16 -7.85 0.52 14.15
CA TYR A 16 -8.00 -0.83 13.60
C TYR A 16 -9.36 -1.00 12.93
N GLU A 17 -10.41 -0.56 13.59
CA GLU A 17 -11.75 -0.71 13.03
C GLU A 17 -11.90 0.09 11.75
N ALA A 18 -11.31 1.27 11.68
CA ALA A 18 -11.36 2.09 10.46
C ALA A 18 -10.61 1.39 9.33
N TYR A 19 -9.53 0.70 9.66
N TYR A 19 -9.49 0.74 9.66
CA TYR A 19 -8.78 -0.01 8.63
CA TYR A 19 -8.76 -0.03 8.67
C TYR A 19 -9.60 -1.20 8.12
C TYR A 19 -9.65 -1.13 8.12
N LEU A 20 -10.25 -1.93 9.01
CA LEU A 20 -11.08 -3.05 8.55
C LEU A 20 -12.24 -2.57 7.70
N LYS A 21 -12.79 -1.40 7.99
CA LYS A 21 -13.92 -0.88 7.23
C LYS A 21 -13.49 -0.37 5.88
N ASN A 22 -12.34 0.26 5.77
CA ASN A 22 -12.03 1.04 4.58
C ASN A 22 -11.18 0.33 3.55
N PHE A 23 -10.43 -0.71 3.91
CA PHE A 23 -9.58 -1.39 2.94
C PHE A 23 -10.27 -2.67 2.50
N ASN A 24 -10.30 -2.89 1.18
CA ASN A 24 -10.99 -4.08 0.68
C ASN A 24 -10.23 -5.33 1.06
N MET A 25 -8.92 -5.21 1.22
CA MET A 25 -8.08 -6.35 1.56
C MET A 25 -7.47 -6.11 2.92
N ASN A 26 -7.40 -7.17 3.70
CA ASN A 26 -6.71 -7.14 4.98
C ASN A 26 -5.93 -8.43 5.10
N LYS A 27 -5.08 -8.53 6.11
CA LYS A 27 -4.16 -9.66 6.15
C LYS A 27 -4.88 -10.98 6.42
N VAL A 28 -5.90 -10.97 7.29
CA VAL A 28 -6.70 -12.18 7.49
C VAL A 28 -7.39 -12.62 6.20
N LYS A 29 -8.04 -11.69 5.52
CA LYS A 29 -8.72 -12.07 4.28
C LYS A 29 -7.73 -12.63 3.27
N ALA A 30 -6.55 -12.00 3.17
CA ALA A 30 -5.53 -12.46 2.22
C ALA A 30 -5.05 -13.85 2.58
N ARG A 31 -4.78 -14.09 3.85
CA ARG A 31 -4.27 -15.40 4.26
C ARG A 31 -5.29 -16.50 4.02
N VAL A 32 -6.58 -16.22 4.23
CA VAL A 32 -7.58 -17.25 3.94
C VAL A 32 -7.50 -17.65 2.47
N ILE A 33 -7.37 -16.66 1.57
CA ILE A 33 -7.30 -16.97 0.15
C ILE A 33 -6.01 -17.70 -0.16
N LEU A 34 -4.88 -17.17 0.35
CA LEU A 34 -3.57 -17.71 0.03
C LEU A 34 -3.42 -19.13 0.52
N SER A 35 -4.19 -19.53 1.54
CA SER A 35 -4.07 -20.88 2.11
C SER A 35 -4.72 -21.94 1.23
N GLY A 36 -5.56 -21.54 0.28
CA GLY A 36 -6.33 -22.49 -0.49
C GLY A 36 -7.68 -22.82 0.12
N LYS A 37 -8.29 -21.88 0.83
CA LYS A 37 -9.60 -22.13 1.45
C LYS A 37 -10.72 -21.42 0.71
N SER A 39 -13.44 -21.66 -1.06
CA SER A 39 -13.99 -22.71 -1.91
C SER A 39 -14.86 -22.14 -3.04
N ASN A 40 -15.29 -20.89 -2.89
CA ASN A 40 -16.08 -20.22 -3.92
C ASN A 40 -15.22 -19.12 -4.51
N ASN A 41 -15.16 -19.07 -5.84
CA ASN A 41 -14.35 -18.08 -6.54
C ASN A 41 -12.89 -18.02 -6.05
N PRO A 42 -12.17 -19.15 -6.07
CA PRO A 42 -10.74 -19.15 -5.75
C PRO A 42 -9.96 -18.36 -6.78
N PRO A 43 -8.73 -17.94 -6.44
CA PRO A 43 -8.01 -17.05 -7.35
C PRO A 43 -7.51 -17.77 -8.59
N PHE A 44 -7.56 -17.09 -9.71
N PHE A 44 -7.66 -17.11 -9.76
CA PHE A 44 -6.99 -17.68 -10.90
CA PHE A 44 -6.99 -17.52 -11.01
C PHE A 44 -5.50 -17.39 -10.95
C PHE A 44 -5.48 -17.42 -10.80
N VAL A 45 -4.71 -18.46 -11.15
CA VAL A 45 -3.25 -18.39 -11.08
C VAL A 45 -2.71 -17.90 -12.41
N ILE A 46 -1.97 -16.81 -12.38
CA ILE A 46 -1.36 -16.18 -13.55
C ILE A 46 0.13 -16.45 -13.41
N HIS A 47 0.64 -17.39 -14.21
CA HIS A 47 2.04 -17.77 -14.14
C HIS A 47 2.74 -17.65 -15.47
N ASP A 48 2.03 -17.29 -16.54
CA ASP A 48 2.63 -17.25 -17.88
C ASP A 48 1.69 -16.43 -18.75
N MET A 49 2.06 -16.23 -20.03
N MET A 49 2.05 -16.30 -20.01
CA MET A 49 1.22 -15.40 -20.89
CA MET A 49 1.27 -15.45 -20.90
C MET A 49 -0.15 -16.03 -21.14
C MET A 49 -0.12 -16.03 -21.15
N GLU A 50 -0.20 -17.35 -21.34
CA GLU A 50 -1.51 -17.98 -21.57
C GLU A 50 -2.46 -17.65 -20.41
N THR A 51 -2.00 -17.90 -19.18
CA THR A 51 -2.88 -17.68 -18.03
C THR A 51 -3.14 -16.21 -17.75
N LEU A 52 -2.19 -15.31 -18.04
CA LEU A 52 -2.52 -13.88 -17.98
C LEU A 52 -3.70 -13.58 -18.88
N CYS A 53 -3.64 -14.06 -20.12
CA CYS A 53 -4.66 -13.68 -21.09
C CYS A 53 -6.00 -14.31 -20.75
N MET A 54 -6.01 -15.52 -20.21
CA MET A 54 -7.25 -16.12 -19.72
C MET A 54 -7.82 -15.31 -18.56
N ALA A 55 -6.98 -14.92 -17.61
CA ALA A 55 -7.47 -14.18 -16.45
C ALA A 55 -8.03 -12.85 -16.90
N GLU A 56 -7.38 -12.16 -17.84
CA GLU A 56 -7.89 -10.87 -18.30
C GLU A 56 -9.27 -11.01 -18.92
N LYS A 57 -9.46 -12.06 -19.73
CA LYS A 57 -10.75 -12.22 -20.39
C LYS A 57 -11.87 -12.41 -19.39
N THR A 58 -11.58 -12.98 -18.23
CA THR A 58 -12.64 -13.13 -17.25
C THR A 58 -12.73 -11.95 -16.31
N LEU A 59 -11.60 -11.41 -15.88
CA LEU A 59 -11.60 -10.46 -14.76
C LEU A 59 -11.52 -9.00 -15.17
N VAL A 60 -10.96 -8.68 -16.34
CA VAL A 60 -10.86 -7.30 -16.83
C VAL A 60 -11.22 -7.29 -18.31
N ALA A 61 -12.39 -7.83 -18.65
CA ALA A 61 -12.69 -8.14 -20.05
C ALA A 61 -12.57 -6.93 -20.97
N LYS A 62 -13.01 -5.74 -20.50
CA LYS A 62 -12.98 -4.55 -21.36
C LYS A 62 -11.56 -4.24 -21.83
N LEU A 63 -10.56 -4.52 -21.00
CA LEU A 63 -9.19 -4.18 -21.33
C LEU A 63 -8.66 -4.99 -22.50
N VAL A 64 -9.24 -6.14 -22.78
CA VAL A 64 -8.76 -6.99 -23.85
C VAL A 64 -9.82 -7.21 -24.94
N ALA A 65 -10.82 -6.33 -24.97
CA ALA A 65 -11.94 -6.43 -25.91
C ALA A 65 -11.70 -5.62 -27.19
N ASN A 66 -10.46 -5.23 -27.44
CA ASN A 66 -10.13 -4.31 -28.52
C ASN A 66 -9.46 -4.99 -29.71
N GLY A 67 -9.32 -6.32 -29.69
CA GLY A 67 -8.73 -6.99 -30.83
C GLY A 67 -7.28 -6.62 -31.05
N ILE A 68 -6.92 -6.40 -32.31
CA ILE A 68 -5.53 -6.05 -32.63
C ILE A 68 -5.11 -4.75 -31.98
N GLN A 69 -6.06 -3.95 -31.48
CA GLN A 69 -5.78 -2.70 -30.80
C GLN A 69 -5.50 -2.88 -29.31
N ASN A 70 -5.68 -4.09 -28.77
CA ASN A 70 -5.25 -4.32 -27.39
C ASN A 70 -3.80 -3.88 -27.22
N LYS A 71 -3.50 -3.30 -26.05
CA LYS A 71 -2.13 -2.93 -25.76
C LYS A 71 -1.30 -4.18 -25.48
N GLU A 72 0.03 -4.01 -25.54
CA GLU A 72 0.98 -5.05 -25.20
C GLU A 72 0.72 -5.57 -23.78
N ALA A 73 1.00 -6.84 -23.53
CA ALA A 73 0.73 -7.44 -22.23
C ALA A 73 1.32 -6.62 -21.09
N GLU A 74 2.57 -6.18 -21.22
CA GLU A 74 3.22 -5.47 -20.12
C GLU A 74 2.49 -4.17 -19.83
N VAL A 75 2.01 -3.50 -20.86
CA VAL A 75 1.27 -2.25 -20.68
C VAL A 75 -0.09 -2.51 -20.03
N ARG A 76 -0.78 -3.59 -20.41
CA ARG A 76 -2.02 -3.97 -19.73
C ARG A 76 -1.78 -4.25 -18.26
N ILE A 77 -0.68 -4.94 -17.96
CA ILE A 77 -0.35 -5.23 -16.57
C ILE A 77 -0.09 -3.93 -15.80
N PHE A 78 0.68 -3.02 -16.40
CA PHE A 78 0.94 -1.75 -15.73
C PHE A 78 -0.36 -0.96 -15.54
N HIS A 79 -1.29 -1.04 -16.49
CA HIS A 79 -2.57 -0.37 -16.32
C HIS A 79 -3.32 -0.94 -15.13
N CYS A 80 -3.33 -2.26 -14.97
CA CYS A 80 -3.96 -2.90 -13.84
C CYS A 80 -3.29 -2.54 -12.53
N CYS A 81 -1.96 -2.41 -12.53
CA CYS A 81 -1.27 -1.93 -11.34
C CYS A 81 -1.78 -0.56 -10.95
N GLN A 82 -1.91 0.34 -11.94
CA GLN A 82 -2.37 1.69 -11.64
C GLN A 82 -3.78 1.69 -11.11
N CYS A 83 -4.66 0.85 -11.67
CA CYS A 83 -6.02 0.82 -11.14
C CYS A 83 -6.04 0.41 -9.70
N THR A 84 -5.17 -0.53 -9.33
CA THR A 84 -5.06 -0.93 -7.94
C THR A 84 -4.61 0.25 -7.08
N SER A 85 -3.61 1.02 -7.52
CA SER A 85 -3.15 2.16 -6.75
C SER A 85 -4.25 3.20 -6.59
N VAL A 86 -4.97 3.51 -7.66
CA VAL A 86 -6.05 4.49 -7.56
C VAL A 86 -7.06 4.07 -6.51
N GLU A 87 -7.44 2.79 -6.49
N GLU A 87 -7.42 2.79 -6.48
CA GLU A 87 -8.40 2.31 -5.50
CA GLU A 87 -8.40 2.35 -5.49
C GLU A 87 -7.83 2.44 -4.09
C GLU A 87 -7.83 2.43 -4.08
N THR A 88 -6.56 2.05 -3.90
CA THR A 88 -5.98 2.11 -2.57
C THR A 88 -5.83 3.54 -2.09
N VAL A 89 -5.52 4.46 -3.01
CA VAL A 89 -5.50 5.88 -2.67
C VAL A 89 -6.86 6.33 -2.14
N THR A 90 -7.96 5.91 -2.78
CA THR A 90 -9.29 6.27 -2.33
C THR A 90 -9.56 5.72 -0.94
N GLU A 91 -9.16 4.47 -0.68
CA GLU A 91 -9.39 3.86 0.61
C GLU A 91 -8.58 4.58 1.68
N LEU A 92 -7.33 4.93 1.37
CA LEU A 92 -6.47 5.61 2.33
C LEU A 92 -7.02 6.98 2.68
N THR A 93 -7.62 7.67 1.69
CA THR A 93 -8.14 9.00 1.95
C THR A 93 -9.29 8.94 2.95
N GLU A 94 -10.15 7.93 2.86
CA GLU A 94 -11.22 7.79 3.84
C GLU A 94 -10.69 7.29 5.18
N PHE A 95 -9.74 6.35 5.17
CA PHE A 95 -9.11 5.90 6.40
C PHE A 95 -8.53 7.06 7.21
N ALA A 96 -7.86 8.00 6.54
CA ALA A 96 -7.17 9.07 7.24
C ALA A 96 -8.09 9.90 8.12
N LYS A 97 -9.39 9.93 7.82
CA LYS A 97 -10.33 10.65 8.68
C LYS A 97 -10.38 10.10 10.08
N ALA A 98 -9.99 8.84 10.31
CA ALA A 98 -10.01 8.27 11.64
C ALA A 98 -8.82 8.70 12.49
N ILE A 99 -7.80 9.32 11.90
CA ILE A 99 -6.59 9.67 12.61
C ILE A 99 -6.83 10.96 13.38
N PRO A 100 -6.66 10.96 14.71
CA PRO A 100 -6.94 12.18 15.48
C PRO A 100 -6.15 13.34 14.95
N GLY A 101 -6.86 14.42 14.64
CA GLY A 101 -6.27 15.65 14.18
C GLY A 101 -6.24 15.81 12.68
N PHE A 102 -6.32 14.72 11.91
CA PHE A 102 -6.12 14.80 10.47
C PHE A 102 -7.20 15.66 9.82
N ALA A 103 -8.47 15.37 10.14
CA ALA A 103 -9.57 16.12 9.55
C ALA A 103 -9.63 17.56 10.06
N ASN A 104 -8.90 17.89 11.13
CA ASN A 104 -8.83 19.27 11.61
C ASN A 104 -7.77 20.10 10.89
N LEU A 105 -6.91 19.45 10.07
CA LEU A 105 -5.90 20.19 9.33
C LEU A 105 -6.54 20.94 8.16
N ASP A 106 -5.85 21.98 7.71
CA ASP A 106 -6.21 22.63 6.46
C ASP A 106 -6.24 21.60 5.33
N LEU A 107 -7.18 21.78 4.40
CA LEU A 107 -7.32 20.85 3.29
C LEU A 107 -6.00 20.67 2.54
N ASN A 108 -5.24 21.75 2.33
CA ASN A 108 -4.01 21.62 1.54
C ASN A 108 -2.98 20.73 2.24
N ASP A 109 -2.92 20.79 3.57
CA ASP A 109 -2.02 19.93 4.33
C ASP A 109 -2.51 18.48 4.28
N GLN A 110 -3.84 18.26 4.36
CA GLN A 110 -4.34 16.90 4.17
C GLN A 110 -3.89 16.34 2.84
N VAL A 111 -3.98 17.17 1.78
CA VAL A 111 -3.59 16.73 0.45
C VAL A 111 -2.10 16.41 0.41
N THR A 112 -1.26 17.26 1.01
CA THR A 112 0.19 17.02 0.99
C THR A 112 0.54 15.75 1.75
N LEU A 113 -0.06 15.53 2.92
CA LEU A 113 0.23 14.32 3.67
C LEU A 113 -0.15 13.08 2.86
N LEU A 114 -1.32 13.09 2.26
CA LEU A 114 -1.72 11.93 1.46
C LEU A 114 -0.83 11.78 0.22
N LYS A 115 -0.43 12.89 -0.40
CA LYS A 115 0.40 12.83 -1.59
C LYS A 115 1.68 12.04 -1.32
N TYR A 116 2.40 12.36 -0.23
CA TYR A 116 3.66 11.71 0.10
C TYR A 116 3.47 10.37 0.80
N GLY A 117 2.34 10.21 1.50
CA GLY A 117 2.16 9.02 2.28
C GLY A 117 1.58 7.86 1.51
N VAL A 118 0.75 8.10 0.48
CA VAL A 118 -0.02 7.00 -0.09
C VAL A 118 0.85 5.86 -0.58
N TYR A 119 1.94 6.14 -1.33
CA TYR A 119 2.70 5.02 -1.88
C TYR A 119 3.49 4.30 -0.80
N GLU A 120 3.91 5.00 0.24
CA GLU A 120 4.54 4.30 1.35
C GLU A 120 3.56 3.33 1.98
N ALA A 121 2.33 3.81 2.23
CA ALA A 121 1.28 2.94 2.76
C ALA A 121 0.93 1.82 1.81
N ILE A 122 0.85 2.12 0.50
CA ILE A 122 0.56 1.07 -0.48
C ILE A 122 1.57 -0.05 -0.39
N PHE A 123 2.85 0.29 -0.35
CA PHE A 123 3.84 -0.77 -0.37
C PHE A 123 3.90 -1.52 0.96
N ALA A 124 3.61 -0.83 2.07
CA ALA A 124 3.50 -1.55 3.34
C ALA A 124 2.37 -2.58 3.30
N MET A 125 1.18 -2.15 2.87
CA MET A 125 0.01 -3.02 2.84
C MET A 125 0.13 -4.10 1.78
N LEU A 126 0.85 -3.84 0.70
CA LEU A 126 1.02 -4.84 -0.33
C LEU A 126 1.66 -6.09 0.23
N SER A 127 2.50 -5.94 1.26
CA SER A 127 3.14 -7.10 1.85
C SER A 127 2.10 -8.13 2.30
N SER A 128 0.93 -7.67 2.73
CA SER A 128 -0.09 -8.57 3.24
C SER A 128 -0.62 -9.53 2.18
N VAL A 129 -0.53 -9.16 0.90
CA VAL A 129 -1.01 -10.01 -0.19
C VAL A 129 0.12 -10.72 -0.90
N MET A 130 1.35 -10.64 -0.40
CA MET A 130 2.51 -11.24 -1.04
C MET A 130 3.02 -12.40 -0.22
N ASN A 131 3.44 -13.46 -0.92
CA ASN A 131 4.30 -14.47 -0.34
C ASN A 131 5.50 -14.60 -1.25
N LYS A 132 6.41 -15.53 -0.94
CA LYS A 132 7.65 -15.59 -1.72
C LYS A 132 7.42 -15.99 -3.17
N ASP A 133 6.24 -16.51 -3.49
CA ASP A 133 5.98 -17.00 -4.84
C ASP A 133 5.10 -16.10 -5.67
N GLY A 134 4.40 -15.13 -5.09
CA GLY A 134 3.49 -14.33 -5.88
C GLY A 134 2.62 -13.45 -5.00
N MET A 135 1.60 -12.87 -5.63
CA MET A 135 0.78 -11.90 -4.91
C MET A 135 -0.67 -11.97 -5.38
N LEU A 136 -1.59 -11.66 -4.46
CA LEU A 136 -3.01 -11.58 -4.82
C LEU A 136 -3.29 -10.29 -5.55
N VAL A 137 -4.14 -10.36 -6.57
CA VAL A 137 -4.56 -9.20 -7.33
C VAL A 137 -6.04 -9.28 -7.63
N ALA A 138 -6.56 -8.19 -8.17
CA ALA A 138 -7.95 -8.17 -8.65
C ALA A 138 -8.92 -8.55 -7.55
N TYR A 139 -8.84 -7.85 -6.45
CA TYR A 139 -9.79 -8.03 -5.34
C TYR A 139 -9.81 -9.47 -4.86
N GLY A 140 -8.63 -10.08 -4.79
CA GLY A 140 -8.50 -11.44 -4.32
C GLY A 140 -8.80 -12.53 -5.31
N ASN A 141 -9.06 -12.18 -6.55
CA ASN A 141 -9.47 -13.17 -7.54
C ASN A 141 -8.38 -13.60 -8.49
N GLY A 142 -7.16 -13.08 -8.36
CA GLY A 142 -6.06 -13.59 -9.12
C GLY A 142 -4.85 -13.74 -8.21
N PHE A 143 -3.94 -14.64 -8.58
CA PHE A 143 -2.65 -14.77 -7.91
C PHE A 143 -1.62 -14.76 -9.01
N ILE A 144 -0.81 -13.71 -9.08
CA ILE A 144 0.18 -13.56 -10.14
C ILE A 144 1.54 -13.90 -9.58
N THR A 145 2.30 -14.73 -10.30
CA THR A 145 3.55 -15.20 -9.72
C THR A 145 4.66 -14.17 -9.83
N ARG A 146 5.53 -14.24 -8.83
CA ARG A 146 6.71 -13.39 -8.78
C ARG A 146 7.61 -13.66 -9.97
N GLU A 147 7.76 -14.93 -10.35
CA GLU A 147 8.59 -15.27 -11.51
C GLU A 147 7.97 -14.72 -12.81
N PHE A 148 6.64 -14.74 -12.95
CA PHE A 148 6.04 -14.20 -14.16
C PHE A 148 6.32 -12.71 -14.26
N LEU A 149 6.17 -11.98 -13.16
CA LEU A 149 6.44 -10.55 -13.21
C LEU A 149 7.91 -10.27 -13.55
N LYS A 150 8.82 -11.10 -13.04
CA LYS A 150 10.23 -10.93 -13.41
C LYS A 150 10.51 -11.24 -14.86
N SER A 151 9.63 -11.99 -15.53
CA SER A 151 9.86 -12.40 -16.90
C SER A 151 9.45 -11.34 -17.91
N LEU A 152 8.75 -10.28 -17.47
CA LEU A 152 8.25 -9.26 -18.39
C LEU A 152 9.41 -8.52 -19.04
N ARG A 153 9.14 -7.89 -20.17
CA ARG A 153 10.22 -7.10 -20.76
C ARG A 153 10.55 -5.88 -19.91
N LYS A 154 11.82 -5.49 -19.96
CA LYS A 154 12.25 -4.24 -19.32
C LYS A 154 11.48 -3.08 -19.94
N PRO A 155 11.09 -2.09 -19.16
CA PRO A 155 11.38 -1.87 -17.73
C PRO A 155 10.33 -2.47 -16.78
N PHE A 156 9.33 -3.17 -17.31
CA PHE A 156 8.18 -3.57 -16.51
C PHE A 156 8.52 -4.68 -15.53
N CYS A 157 9.51 -5.53 -15.84
CA CYS A 157 9.95 -6.54 -14.87
C CYS A 157 10.62 -5.93 -13.66
N ASP A 158 10.95 -4.64 -13.67
CA ASP A 158 11.64 -4.04 -12.54
C ASP A 158 10.69 -3.40 -11.54
N ILE A 159 9.39 -3.39 -11.82
CA ILE A 159 8.42 -2.74 -10.93
C ILE A 159 8.29 -3.50 -9.62
N MET A 160 7.95 -4.79 -9.68
CA MET A 160 7.47 -5.47 -8.48
C MET A 160 8.56 -6.08 -7.63
N GLU A 161 9.68 -6.49 -8.22
CA GLU A 161 10.66 -7.21 -7.44
C GLU A 161 11.11 -6.48 -6.17
N PRO A 162 11.41 -5.18 -6.19
CA PRO A 162 11.84 -4.53 -4.94
C PRO A 162 10.74 -4.55 -3.88
N LYS A 163 9.48 -4.58 -4.32
CA LYS A 163 8.35 -4.63 -3.38
C LYS A 163 8.24 -6.00 -2.77
N PHE A 164 8.48 -7.06 -3.54
CA PHE A 164 8.57 -8.39 -2.93
C PHE A 164 9.72 -8.45 -1.94
N ASP A 165 10.88 -7.88 -2.27
CA ASP A 165 12.01 -7.93 -1.34
C ASP A 165 11.65 -7.24 -0.03
N PHE A 166 11.04 -6.05 -0.12
CA PHE A 166 10.58 -5.35 1.08
C PHE A 166 9.61 -6.23 1.86
N ALA A 167 8.64 -6.81 1.16
CA ALA A 167 7.56 -7.55 1.79
C ALA A 167 8.06 -8.80 2.51
N MET A 168 9.06 -9.48 1.95
CA MET A 168 9.43 -10.72 2.63
C MET A 168 10.00 -10.40 4.02
N LYS A 169 10.80 -9.35 4.13
CA LYS A 169 11.34 -8.97 5.43
C LYS A 169 10.25 -8.38 6.31
N PHE A 170 9.35 -7.58 5.73
CA PHE A 170 8.28 -7.00 6.53
C PHE A 170 7.38 -8.10 7.10
N ASN A 171 7.03 -9.08 6.27
CA ASN A 171 6.18 -10.17 6.74
C ASN A 171 6.85 -11.01 7.80
N ALA A 172 8.17 -11.05 7.83
CA ALA A 172 8.84 -11.81 8.87
C ALA A 172 8.71 -11.18 10.26
N LEU A 173 8.28 -9.92 10.34
CA LEU A 173 7.96 -9.29 11.62
C LEU A 173 6.68 -9.83 12.20
N GLU A 174 5.85 -10.51 11.42
CA GLU A 174 4.64 -11.14 11.91
C GLU A 174 3.67 -10.15 12.54
N LEU A 175 3.51 -9.01 11.89
CA LEU A 175 2.50 -8.05 12.30
C LEU A 175 1.11 -8.61 11.98
N ASP A 176 0.12 -8.13 12.74
CA ASP A 176 -1.28 -8.38 12.38
C ASP A 176 -1.92 -7.06 11.98
N ASP A 177 -3.21 -7.18 11.62
N ASP A 177 -3.20 -7.09 11.58
CA ASP A 177 -3.96 -6.03 11.13
CA ASP A 177 -3.77 -5.83 11.11
C ASP A 177 -4.01 -4.91 12.16
C ASP A 177 -3.98 -4.81 12.21
N SER A 178 -4.09 -5.24 13.46
CA SER A 178 -4.11 -4.22 14.50
C SER A 178 -2.82 -3.41 14.51
N ASP A 179 -1.70 -4.04 14.19
CA ASP A 179 -0.42 -3.34 14.11
C ASP A 179 -0.33 -2.54 12.81
N ILE A 180 -0.69 -3.18 11.69
CA ILE A 180 -0.53 -2.54 10.38
C ILE A 180 -1.39 -1.31 10.28
N SER A 181 -2.60 -1.33 10.86
CA SER A 181 -3.45 -0.16 10.78
C SER A 181 -2.77 1.06 11.40
N LEU A 182 -2.13 0.87 12.57
CA LEU A 182 -1.45 1.97 13.25
C LEU A 182 -0.18 2.37 12.51
N PHE A 183 0.52 1.42 11.88
CA PHE A 183 1.70 1.73 11.09
C PHE A 183 1.33 2.60 9.89
N VAL A 184 0.23 2.25 9.21
CA VAL A 184 -0.24 3.07 8.09
C VAL A 184 -0.65 4.46 8.57
N ALA A 185 -1.36 4.55 9.71
CA ALA A 185 -1.68 5.88 10.23
C ALA A 185 -0.42 6.69 10.50
N ALA A 186 0.62 6.04 11.06
CA ALA A 186 1.86 6.77 11.35
C ALA A 186 2.56 7.23 10.08
N ILE A 187 2.53 6.40 9.02
CA ILE A 187 3.09 6.83 7.73
C ILE A 187 2.44 8.12 7.28
N ILE A 188 1.11 8.17 7.34
CA ILE A 188 0.41 9.36 6.85
C ILE A 188 0.81 10.62 7.64
N CYS A 189 1.08 10.47 8.94
CA CYS A 189 1.34 11.62 9.82
C CYS A 189 2.84 11.89 9.92
N CYS A 190 3.43 12.44 8.88
CA CYS A 190 4.85 12.77 8.90
C CYS A 190 4.99 14.27 8.77
N GLY A 191 5.58 14.90 9.79
CA GLY A 191 5.68 16.34 9.76
C GLY A 191 6.77 16.90 8.86
N ASP A 192 7.60 16.04 8.26
CA ASP A 192 8.69 16.52 7.41
C ASP A 192 8.38 16.43 5.93
N ARG A 193 7.13 16.25 5.55
CA ARG A 193 6.81 16.22 4.14
C ARG A 193 7.07 17.59 3.53
N PRO A 194 7.60 17.65 2.32
CA PRO A 194 7.81 18.94 1.65
C PRO A 194 6.51 19.72 1.52
N GLY A 195 6.59 21.02 1.82
CA GLY A 195 5.49 21.92 1.50
C GLY A 195 4.38 22.02 2.51
N LEU A 196 4.52 21.42 3.68
CA LEU A 196 3.46 21.53 4.67
C LEU A 196 3.44 22.95 5.24
N LEU A 197 2.24 23.41 5.55
CA LEU A 197 1.99 24.73 6.10
C LEU A 197 2.03 24.72 7.63
N ASN A 198 1.26 23.83 8.23
CA ASN A 198 1.15 23.79 9.68
C ASN A 198 1.96 22.63 10.24
N VAL A 199 3.29 22.77 10.11
CA VAL A 199 4.19 21.71 10.56
C VAL A 199 3.98 21.41 12.03
N GLY A 200 3.76 22.46 12.84
CA GLY A 200 3.68 22.22 14.26
C GLY A 200 2.52 21.32 14.64
N HIS A 201 1.34 21.58 14.09
CA HIS A 201 0.19 20.75 14.44
C HIS A 201 0.36 19.34 13.89
N ILE A 202 0.98 19.21 12.71
CA ILE A 202 1.22 17.90 12.16
C ILE A 202 2.22 17.12 13.00
N GLU A 203 3.28 17.78 13.48
CA GLU A 203 4.20 17.11 14.38
C GLU A 203 3.51 16.60 15.63
N LYS A 204 2.57 17.36 16.19
N LYS A 204 2.58 17.37 16.18
CA LYS A 204 1.86 16.85 17.36
CA LYS A 204 1.86 16.91 17.36
C LYS A 204 0.89 15.73 16.99
C LYS A 204 1.01 15.69 17.03
N MET A 205 0.31 15.79 15.79
N MET A 205 0.28 15.74 15.91
CA MET A 205 -0.50 14.67 15.31
CA MET A 205 -0.49 14.59 15.45
C MET A 205 0.36 13.42 15.19
C MET A 205 0.39 13.38 15.24
N GLN A 206 1.56 13.55 14.62
CA GLN A 206 2.49 12.45 14.47
C GLN A 206 2.91 11.90 15.83
N GLU A 207 3.28 12.78 16.77
N GLU A 207 3.28 12.78 16.77
CA GLU A 207 3.68 12.31 18.09
CA GLU A 207 3.69 12.31 18.08
C GLU A 207 2.57 11.48 18.71
C GLU A 207 2.58 11.50 18.74
N GLY A 208 1.33 11.93 18.59
CA GLY A 208 0.25 11.21 19.21
C GLY A 208 0.02 9.82 18.62
N ILE A 209 0.02 9.73 17.30
N ILE A 209 0.01 9.73 17.29
CA ILE A 209 -0.23 8.44 16.68
CA ILE A 209 -0.21 8.43 16.65
C ILE A 209 0.95 7.50 16.87
C ILE A 209 0.96 7.50 16.93
N VAL A 210 2.18 8.03 16.90
CA VAL A 210 3.33 7.17 17.12
C VAL A 210 3.35 6.66 18.57
N HIS A 211 2.85 7.47 19.50
CA HIS A 211 2.71 7.00 20.88
C HIS A 211 1.73 5.83 20.96
N VAL A 212 0.56 5.97 20.31
CA VAL A 212 -0.41 4.89 20.22
C VAL A 212 0.24 3.63 19.63
N LEU A 213 1.00 3.79 18.54
CA LEU A 213 1.69 2.66 17.92
C LEU A 213 2.68 2.00 18.86
N ARG A 214 3.51 2.80 19.52
N ARG A 214 3.53 2.81 19.50
CA ARG A 214 4.53 2.25 20.40
CA ARG A 214 4.52 2.30 20.42
C ARG A 214 3.90 1.46 21.55
C ARG A 214 3.88 1.47 21.53
N LEU A 215 2.85 2.03 22.18
CA LEU A 215 2.20 1.30 23.27
C LEU A 215 1.53 0.02 22.77
N HIS A 216 0.91 0.09 21.60
CA HIS A 216 0.25 -1.09 21.07
C HIS A 216 1.25 -2.20 20.79
N LEU A 217 2.39 -1.87 20.17
CA LEU A 217 3.38 -2.89 19.87
C LEU A 217 3.95 -3.50 21.14
N GLN A 218 4.14 -2.68 22.16
CA GLN A 218 4.62 -3.19 23.45
C GLN A 218 3.67 -4.24 23.98
N SER A 219 2.37 -3.97 23.90
N SER A 219 2.37 -3.98 23.86
CA SER A 219 1.37 -4.93 24.39
CA SER A 219 1.30 -4.84 24.36
C SER A 219 1.25 -6.14 23.48
C SER A 219 1.05 -6.06 23.49
N ASN A 220 1.15 -5.91 22.17
CA ASN A 220 0.79 -6.98 21.25
C ASN A 220 1.98 -7.85 20.88
N HIS A 221 3.20 -7.37 21.05
CA HIS A 221 4.40 -8.11 20.70
C HIS A 221 5.40 -8.08 21.85
N PRO A 222 5.04 -8.67 22.99
CA PRO A 222 5.95 -8.65 24.15
C PRO A 222 7.23 -9.41 23.90
N ASP A 223 7.25 -10.26 22.88
CA ASP A 223 8.39 -11.09 22.54
C ASP A 223 9.46 -10.35 21.72
N ASP A 224 9.18 -9.18 21.18
CA ASP A 224 10.10 -8.48 20.25
C ASP A 224 10.27 -7.05 20.78
N ILE A 225 11.27 -6.85 21.65
CA ILE A 225 11.39 -5.56 22.32
C ILE A 225 11.88 -4.46 21.40
N PHE A 226 12.43 -4.80 20.23
CA PHE A 226 12.86 -3.81 19.26
C PHE A 226 11.84 -3.58 18.15
N LEU A 227 10.61 -4.09 18.28
CA LEU A 227 9.72 -3.99 17.11
C LEU A 227 9.45 -2.54 16.74
N PHE A 228 9.29 -1.65 17.71
CA PHE A 228 9.03 -0.25 17.38
C PHE A 228 10.17 0.35 16.56
N PRO A 229 11.43 0.31 17.02
CA PRO A 229 12.48 0.87 16.16
C PRO A 229 12.61 0.13 14.82
N LYS A 230 12.36 -1.17 14.77
CA LYS A 230 12.33 -1.86 13.48
C LYS A 230 11.34 -1.20 12.54
N LEU A 231 10.16 -0.84 13.04
CA LEU A 231 9.13 -0.24 12.19
C LEU A 231 9.46 1.19 11.83
N LEU A 232 10.11 1.95 12.73
CA LEU A 232 10.61 3.26 12.33
C LEU A 232 11.57 3.13 11.15
N GLN A 233 12.47 2.14 11.20
CA GLN A 233 13.35 1.93 10.08
C GLN A 233 12.58 1.54 8.84
N LYS A 234 11.56 0.67 8.97
CA LYS A 234 10.78 0.32 7.79
C LYS A 234 10.14 1.54 7.16
N MET A 235 9.73 2.52 7.95
CA MET A 235 9.17 3.72 7.33
C MET A 235 10.20 4.45 6.49
N ALA A 236 11.45 4.53 6.98
CA ALA A 236 12.50 5.14 6.17
C ALA A 236 12.78 4.32 4.92
N ASP A 237 12.80 3.00 5.07
CA ASP A 237 12.99 2.14 3.90
C ASP A 237 11.90 2.37 2.87
N LEU A 238 10.66 2.54 3.32
CA LEU A 238 9.54 2.76 2.39
C LEU A 238 9.70 4.09 1.67
N ARG A 239 10.18 5.12 2.36
CA ARG A 239 10.39 6.37 1.66
C ARG A 239 11.38 6.19 0.52
N GLN A 240 12.46 5.43 0.75
N GLN A 240 12.47 5.45 0.77
CA GLN A 240 13.43 5.20 -0.30
CA GLN A 240 13.44 5.19 -0.29
C GLN A 240 12.86 4.31 -1.41
C GLN A 240 12.80 4.37 -1.40
N LEU A 241 12.04 3.33 -1.05
CA LEU A 241 11.40 2.49 -2.05
C LEU A 241 10.49 3.33 -2.95
N VAL A 242 9.79 4.30 -2.36
CA VAL A 242 8.90 5.14 -3.15
C VAL A 242 9.68 6.08 -4.05
N THR A 243 10.77 6.68 -3.53
CA THR A 243 11.58 7.54 -4.38
C THR A 243 12.06 6.77 -5.60
N GLU A 244 12.53 5.54 -5.40
CA GLU A 244 13.02 4.73 -6.50
C GLU A 244 11.88 4.33 -7.44
N HIS A 245 10.71 3.99 -6.87
CA HIS A 245 9.56 3.65 -7.69
C HIS A 245 9.16 4.82 -8.59
N ALA A 246 9.14 6.03 -8.03
CA ALA A 246 8.75 7.20 -8.80
C ALA A 246 9.73 7.44 -9.94
N GLN A 247 11.03 7.16 -9.71
CA GLN A 247 12.00 7.30 -10.79
C GLN A 247 11.73 6.32 -11.92
N LEU A 248 11.39 5.07 -11.59
CA LEU A 248 11.05 4.08 -12.61
C LEU A 248 9.78 4.49 -13.36
N VAL A 249 8.77 4.97 -12.65
CA VAL A 249 7.55 5.40 -13.32
C VAL A 249 7.87 6.52 -14.31
N GLN A 250 8.76 7.44 -13.95
CA GLN A 250 9.14 8.50 -14.88
C GLN A 250 9.86 7.93 -16.11
N ILE A 251 10.70 6.93 -15.94
CA ILE A 251 11.29 6.27 -17.11
C ILE A 251 10.19 5.71 -18.01
N ILE A 252 9.24 5.00 -17.41
CA ILE A 252 8.14 4.45 -18.19
C ILE A 252 7.40 5.55 -18.94
N LYS A 253 7.09 6.65 -18.25
CA LYS A 253 6.41 7.78 -18.88
C LYS A 253 7.18 8.31 -20.07
N LYS A 254 8.51 8.46 -19.95
CA LYS A 254 9.30 9.07 -21.01
C LYS A 254 9.50 8.12 -22.20
N THR A 255 9.54 6.81 -21.95
CA THR A 255 10.00 5.87 -22.96
C THR A 255 8.90 4.92 -23.46
N GLU A 256 7.73 4.88 -22.81
CA GLU A 256 6.66 3.94 -23.16
C GLU A 256 5.37 4.69 -23.49
N SER A 257 5.18 5.02 -24.76
CA SER A 257 4.09 5.92 -25.13
C SER A 257 2.71 5.33 -24.85
N ASP A 258 2.57 4.00 -24.85
CA ASP A 258 1.27 3.36 -24.60
C ASP A 258 0.91 3.24 -23.13
N ALA A 259 1.84 3.49 -22.22
CA ALA A 259 1.63 3.23 -20.79
C ALA A 259 1.09 4.49 -20.12
N ALA A 260 -0.13 4.84 -20.53
CA ALA A 260 -0.74 6.06 -20.05
C ALA A 260 -0.86 6.03 -18.54
N LEU A 261 -0.48 7.12 -17.89
CA LEU A 261 -0.57 7.28 -16.45
C LEU A 261 -1.89 7.94 -16.08
N HIS A 262 -2.61 7.31 -15.16
CA HIS A 262 -3.88 7.84 -14.70
C HIS A 262 -3.70 9.24 -14.10
N PRO A 263 -4.61 10.17 -14.35
CA PRO A 263 -4.36 11.56 -13.93
C PRO A 263 -4.23 11.73 -12.42
N LEU A 264 -4.92 10.91 -11.62
CA LEU A 264 -4.76 11.05 -10.18
C LEU A 264 -3.34 10.70 -9.76
N LEU A 265 -2.77 9.68 -10.40
CA LEU A 265 -1.42 9.27 -10.03
C LEU A 265 -0.39 10.24 -10.58
N GLN A 266 -0.61 10.78 -11.77
CA GLN A 266 0.30 11.81 -12.27
C GLN A 266 0.37 12.99 -11.29
N GLU A 267 -0.77 13.36 -10.74
CA GLU A 267 -0.79 14.45 -9.76
C GLU A 267 -0.03 14.06 -8.50
N ILE A 268 -0.18 12.82 -8.01
CA ILE A 268 0.60 12.39 -6.86
C ILE A 268 2.08 12.51 -7.15
N TYR A 269 2.51 12.01 -8.32
CA TYR A 269 3.93 12.03 -8.64
C TYR A 269 4.48 13.42 -8.91
N ARG A 270 3.64 14.36 -9.30
CA ARG A 270 4.12 15.65 -9.79
C ARG A 270 4.76 16.43 -8.66
N ASP A 271 6.03 16.81 -8.83
CA ASP A 271 6.74 17.58 -7.82
C ASP A 271 6.95 16.79 -6.53
N MET A 272 6.88 15.45 -6.60
CA MET A 272 7.03 14.69 -5.36
C MET A 272 8.49 14.63 -4.92
N TYR A 273 9.35 13.99 -5.72
CA TYR A 273 10.77 13.87 -5.38
C TYR A 273 11.67 14.34 -6.51
#